data_3S4L
#
_entry.id   3S4L
#
_cell.length_a   59.073
_cell.length_b   59.073
_cell.length_c   162.879
_cell.angle_alpha   90.00
_cell.angle_beta   90.00
_cell.angle_gamma   90.00
#
_symmetry.space_group_name_H-M   'P 41 21 2'
#
loop_
_entity.id
_entity.type
_entity.pdbx_description
1 polymer 'CAS3 Metal dependent phosphohydrolase'
2 non-polymer 'CALCIUM ION'
3 water water
#
_entity_poly.entity_id   1
_entity_poly.type   'polypeptide(L)'
_entity_poly.pdbx_seq_one_letter_code
;MILGEIMEVLAFKNQSLIDHVNDMVKYWERIKYRYLKTIKRALEALNIKLDIEKVDEFMKILIKLHDIGKASKIYQRAII
NDQEKLMGFRHELVSAYYTYHILLKKFGDKNLAFIGALTVMLHHEPIIMGQIRNLKKKELTAEVVLDKLKKFDGMIEDFE
DLIKKLIGYSIGDIIKNDSNKDDIIRFVIEMSVRARHTPNSEKLRFIVGTLLLPLVMCDYKGAESREGKAPKFAEVLEVE
SYVI
;
_entity_poly.pdbx_strand_id   A
#
# COMPACT_ATOMS: atom_id res chain seq x y z
N ILE A 6 14.51 -19.93 -3.69
CA ILE A 6 13.79 -21.09 -3.19
C ILE A 6 13.07 -20.83 -1.86
N MET A 7 11.75 -21.00 -1.87
CA MET A 7 10.89 -20.87 -0.68
C MET A 7 10.81 -19.48 -0.04
N GLU A 8 11.21 -18.44 -0.77
CA GLU A 8 11.25 -17.09 -0.23
C GLU A 8 10.05 -16.25 -0.67
N VAL A 9 9.58 -15.35 0.18
CA VAL A 9 8.54 -14.40 -0.20
C VAL A 9 9.06 -13.49 -1.32
N LEU A 10 8.52 -13.66 -2.52
CA LEU A 10 9.10 -13.05 -3.72
C LEU A 10 8.42 -11.75 -4.18
N ALA A 11 9.22 -10.78 -4.63
CA ALA A 11 8.70 -9.60 -5.30
C ALA A 11 8.64 -9.90 -6.80
N PHE A 12 9.67 -10.60 -7.27
CA PHE A 12 9.78 -11.06 -8.66
C PHE A 12 10.47 -12.42 -8.64
N LYS A 13 10.35 -13.16 -9.74
CA LYS A 13 11.02 -14.46 -9.85
C LYS A 13 12.45 -14.39 -9.33
N ASN A 14 13.14 -13.30 -9.64
CA ASN A 14 14.53 -13.11 -9.23
C ASN A 14 14.72 -12.60 -7.79
N GLN A 15 13.74 -11.85 -7.30
CA GLN A 15 14.01 -10.98 -6.16
C GLN A 15 13.07 -11.22 -4.97
N SER A 16 13.64 -11.39 -3.78
CA SER A 16 12.83 -11.48 -2.56
C SER A 16 12.20 -10.12 -2.27
N LEU A 17 11.04 -10.13 -1.63
CA LEU A 17 10.33 -8.88 -1.35
C LEU A 17 11.10 -8.02 -0.35
N ILE A 18 11.65 -8.65 0.68
CA ILE A 18 12.52 -7.96 1.66
C ILE A 18 13.70 -7.24 0.98
N ASP A 19 14.43 -7.96 0.13
CA ASP A 19 15.53 -7.33 -0.59
C ASP A 19 15.06 -6.20 -1.49
N HIS A 20 13.93 -6.40 -2.16
CA HIS A 20 13.37 -5.38 -3.04
C HIS A 20 12.95 -4.13 -2.24
N VAL A 21 12.35 -4.33 -1.07
CA VAL A 21 11.90 -3.21 -0.27
C VAL A 21 13.12 -2.43 0.25
N ASN A 22 14.14 -3.15 0.69
CA ASN A 22 15.37 -2.54 1.21
C ASN A 22 16.10 -1.71 0.16
N ASP A 23 15.99 -2.13 -1.10
CA ASP A 23 16.59 -1.39 -2.19
C ASP A 23 15.81 -0.09 -2.48
N MET A 24 14.49 -0.14 -2.31
CA MET A 24 13.66 1.03 -2.53
C MET A 24 13.84 2.05 -1.40
N VAL A 25 14.02 1.54 -0.18
CA VAL A 25 14.22 2.38 0.99
C VAL A 25 15.57 3.08 0.89
N LYS A 26 16.62 2.30 0.62
CA LYS A 26 17.95 2.87 0.47
C LYS A 26 17.94 3.96 -0.58
N TYR A 27 17.23 3.72 -1.68
CA TYR A 27 17.08 4.73 -2.74
C TYR A 27 16.23 5.93 -2.32
N TRP A 28 15.36 5.76 -1.33
CA TRP A 28 14.54 6.86 -0.83
C TRP A 28 15.44 7.84 -0.11
N GLU A 29 16.32 7.33 0.74
CA GLU A 29 17.30 8.13 1.44
C GLU A 29 18.08 9.06 0.50
N ARG A 30 18.30 8.61 -0.73
CA ARG A 30 19.13 9.38 -1.65
C ARG A 30 18.35 10.53 -2.30
N ILE A 31 17.03 10.40 -2.38
CA ILE A 31 16.26 11.44 -3.06
C ILE A 31 15.27 12.24 -2.17
N LYS A 32 15.00 11.76 -0.97
CA LYS A 32 13.86 12.27 -0.17
C LYS A 32 13.85 13.80 -0.02
N TYR A 33 15.03 14.38 0.18
CA TYR A 33 15.16 15.82 0.40
C TYR A 33 14.72 16.62 -0.84
N ARG A 34 14.55 15.92 -1.95
CA ARG A 34 13.96 16.57 -3.12
C ARG A 34 12.44 16.59 -3.05
N TYR A 35 11.85 15.74 -2.20
CA TYR A 35 10.40 15.52 -2.20
C TYR A 35 9.68 15.85 -0.88
N LEU A 36 10.40 15.77 0.23
CA LEU A 36 9.80 15.96 1.55
C LEU A 36 8.96 17.25 1.71
N LYS A 37 9.50 18.41 1.37
CA LYS A 37 8.72 19.64 1.50
C LYS A 37 7.38 19.57 0.74
N THR A 38 7.44 19.11 -0.50
CA THR A 38 6.25 19.05 -1.36
C THR A 38 5.19 18.15 -0.73
N ILE A 39 5.61 16.98 -0.28
CA ILE A 39 4.70 16.06 0.38
C ILE A 39 4.16 16.67 1.69
N LYS A 40 5.01 17.31 2.48
CA LYS A 40 4.54 17.93 3.73
C LYS A 40 3.45 18.96 3.46
N ARG A 41 3.64 19.78 2.43
CA ARG A 41 2.70 20.86 2.17
C ARG A 41 1.41 20.38 1.47
N ALA A 42 1.49 19.25 0.78
CA ALA A 42 0.33 18.62 0.18
C ALA A 42 -0.56 18.06 1.28
N LEU A 43 0.03 17.31 2.21
CA LEU A 43 -0.68 16.85 3.41
C LEU A 43 -1.31 18.01 4.16
N GLU A 44 -0.66 19.15 4.09
CA GLU A 44 -1.07 20.33 4.84
C GLU A 44 -2.27 20.98 4.17
N ALA A 45 -2.53 20.59 2.92
CA ALA A 45 -3.65 21.12 2.17
C ALA A 45 -4.85 20.18 2.33
N LEU A 46 -4.66 19.13 3.13
CA LEU A 46 -5.75 18.30 3.60
C LEU A 46 -5.88 18.47 5.12
N ASN A 47 -5.37 19.59 5.61
CA ASN A 47 -5.28 19.86 7.06
C ASN A 47 -4.66 18.71 7.86
N ILE A 48 -3.65 18.07 7.30
CA ILE A 48 -2.90 17.07 8.03
C ILE A 48 -1.53 17.67 8.31
N LYS A 49 -1.20 17.83 9.60
CA LYS A 49 0.04 18.50 9.99
C LYS A 49 1.11 17.53 10.51
N LEU A 50 2.18 17.38 9.73
CA LEU A 50 3.29 16.49 10.05
C LEU A 50 4.58 17.25 9.83
N ASP A 51 5.53 17.14 10.74
CA ASP A 51 6.85 17.77 10.51
C ASP A 51 7.66 16.92 9.52
N ILE A 52 8.84 17.39 9.12
CA ILE A 52 9.56 16.73 8.03
C ILE A 52 9.92 15.29 8.36
N GLU A 53 10.30 15.04 9.60
CA GLU A 53 10.73 13.71 10.00
C GLU A 53 9.52 12.75 10.04
N LYS A 54 8.37 13.26 10.41
CA LYS A 54 7.15 12.45 10.41
C LYS A 54 6.81 12.04 8.98
N VAL A 55 6.88 13.00 8.06
CA VAL A 55 6.56 12.80 6.65
C VAL A 55 7.45 11.75 6.05
N ASP A 56 8.69 11.74 6.52
CA ASP A 56 9.69 10.77 6.08
C ASP A 56 9.27 9.36 6.51
N GLU A 57 8.99 9.20 7.79
CA GLU A 57 8.50 7.94 8.33
C GLU A 57 7.27 7.47 7.56
N PHE A 58 6.36 8.39 7.32
CA PHE A 58 5.12 8.09 6.61
C PHE A 58 5.44 7.53 5.22
N MET A 59 6.33 8.20 4.51
CA MET A 59 6.72 7.74 3.16
C MET A 59 7.40 6.38 3.19
N LYS A 60 8.26 6.15 4.16
CA LYS A 60 8.93 4.86 4.31
C LYS A 60 7.93 3.71 4.49
N ILE A 61 6.80 4.00 5.12
CA ILE A 61 5.82 2.95 5.34
C ILE A 61 5.11 2.60 4.02
N LEU A 62 4.75 3.63 3.26
CA LEU A 62 4.18 3.42 1.94
C LEU A 62 5.15 2.63 1.07
N ILE A 63 6.42 2.99 1.18
CA ILE A 63 7.44 2.34 0.42
C ILE A 63 7.47 0.87 0.84
N LYS A 64 7.47 0.63 2.14
CA LYS A 64 7.62 -0.74 2.59
C LYS A 64 6.38 -1.60 2.36
N LEU A 65 5.22 -0.99 2.36
CA LEU A 65 3.99 -1.76 2.39
C LEU A 65 3.21 -1.77 1.09
N HIS A 66 3.60 -0.93 0.12
CA HIS A 66 2.73 -0.83 -1.05
C HIS A 66 2.62 -2.15 -1.84
N ASP A 67 3.63 -3.01 -1.72
CA ASP A 67 3.56 -4.34 -2.34
C ASP A 67 3.42 -5.48 -1.37
N ILE A 68 3.01 -5.18 -0.13
CA ILE A 68 2.84 -6.24 0.86
C ILE A 68 1.78 -7.23 0.38
N GLY A 69 0.84 -6.76 -0.45
CA GLY A 69 -0.18 -7.62 -1.03
C GLY A 69 0.41 -8.77 -1.83
N LYS A 70 1.68 -8.63 -2.24
CA LYS A 70 2.36 -9.72 -2.92
C LYS A 70 2.59 -10.93 -2.01
N ALA A 71 2.57 -10.72 -0.70
CA ALA A 71 2.70 -11.85 0.20
C ALA A 71 1.41 -12.67 0.30
N SER A 72 0.43 -12.38 -0.57
CA SER A 72 -0.76 -13.25 -0.72
C SER A 72 -0.33 -14.58 -1.32
N LYS A 73 -0.84 -15.68 -0.80
CA LYS A 73 -0.47 -16.99 -1.32
C LYS A 73 -0.64 -17.10 -2.83
N ILE A 74 -1.73 -16.56 -3.34
CA ILE A 74 -2.03 -16.56 -4.78
C ILE A 74 -0.92 -15.80 -5.54
N TYR A 75 -0.58 -14.60 -5.09
CA TYR A 75 0.45 -13.85 -5.80
C TYR A 75 1.78 -14.65 -5.82
N GLN A 76 2.15 -15.21 -4.68
CA GLN A 76 3.39 -15.97 -4.60
C GLN A 76 3.37 -17.15 -5.56
N ARG A 77 2.23 -17.81 -5.66
CA ARG A 77 2.08 -18.94 -6.54
C ARG A 77 2.28 -18.49 -7.99
N ALA A 78 1.67 -17.38 -8.36
CA ALA A 78 1.71 -16.95 -9.74
C ALA A 78 3.14 -16.57 -10.18
N ILE A 79 3.95 -16.08 -9.25
CA ILE A 79 5.33 -15.69 -9.56
C ILE A 79 6.22 -16.89 -9.89
N ILE A 80 6.07 -17.96 -9.10
CA ILE A 80 6.92 -19.14 -9.21
C ILE A 80 6.52 -20.04 -10.38
N ASN A 81 5.23 -20.03 -10.69
CA ASN A 81 4.68 -20.99 -11.64
C ASN A 81 3.89 -20.33 -12.77
N ASP A 82 4.31 -20.59 -14.00
CA ASP A 82 3.59 -20.11 -15.19
C ASP A 82 2.55 -21.16 -15.64
N GLN A 83 1.80 -21.67 -14.66
CA GLN A 83 0.61 -22.47 -14.90
C GLN A 83 -0.48 -21.82 -14.09
N GLU A 84 -0.10 -21.32 -12.91
CA GLU A 84 -0.96 -20.54 -12.04
C GLU A 84 -1.03 -19.07 -12.51
N LYS A 85 -2.25 -18.56 -12.63
CA LYS A 85 -2.49 -17.20 -13.12
C LYS A 85 -3.20 -16.37 -12.04
N LEU A 86 -3.09 -15.05 -12.15
CA LEU A 86 -3.64 -14.17 -11.11
C LEU A 86 -5.17 -14.10 -11.07
N MET A 87 -5.82 -14.38 -12.21
CA MET A 87 -7.29 -14.38 -12.30
C MET A 87 -7.90 -13.09 -11.76
N GLY A 88 -7.40 -11.96 -12.25
CA GLY A 88 -7.91 -10.67 -11.83
C GLY A 88 -7.44 -10.23 -10.46
N PHE A 89 -6.76 -11.12 -9.72
CA PHE A 89 -6.32 -10.72 -8.40
C PHE A 89 -5.45 -9.45 -8.45
N ARG A 90 -5.71 -8.52 -7.55
CA ARG A 90 -4.96 -7.26 -7.51
C ARG A 90 -4.33 -7.03 -6.12
N HIS A 91 -3.02 -7.23 -6.05
CA HIS A 91 -2.29 -7.18 -4.79
C HIS A 91 -2.46 -5.86 -4.05
N GLU A 92 -2.61 -4.75 -4.79
CA GLU A 92 -2.63 -3.44 -4.15
C GLU A 92 -3.82 -3.23 -3.22
N LEU A 93 -4.93 -3.93 -3.47
CA LEU A 93 -6.11 -3.80 -2.61
C LEU A 93 -5.81 -4.41 -1.24
N VAL A 94 -5.10 -5.53 -1.26
CA VAL A 94 -4.64 -6.17 -0.04
C VAL A 94 -3.56 -5.35 0.65
N SER A 95 -2.68 -4.72 -0.13
CA SER A 95 -1.71 -3.76 0.43
C SER A 95 -2.41 -2.59 1.14
N ALA A 96 -3.40 -2.00 0.48
CA ALA A 96 -4.14 -0.87 1.03
C ALA A 96 -4.72 -1.18 2.40
N TYR A 97 -5.24 -2.40 2.55
CA TYR A 97 -5.82 -2.84 3.81
C TYR A 97 -4.80 -2.84 4.93
N TYR A 98 -3.65 -3.49 4.72
CA TYR A 98 -2.64 -3.52 5.78
C TYR A 98 -2.02 -2.14 6.03
N THR A 99 -1.87 -1.38 4.94
CA THR A 99 -1.26 -0.05 5.05
C THR A 99 -2.13 0.80 5.95
N TYR A 100 -3.43 0.74 5.72
CA TYR A 100 -4.32 1.56 6.50
C TYR A 100 -4.20 1.28 7.99
N HIS A 101 -4.29 0.01 8.39
CA HIS A 101 -4.29 -0.30 9.82
C HIS A 101 -2.95 0.04 10.47
N ILE A 102 -1.87 -0.23 9.74
CA ILE A 102 -0.56 0.09 10.24
C ILE A 102 -0.36 1.61 10.36
N LEU A 103 -0.83 2.39 9.38
CA LEU A 103 -0.72 3.84 9.48
C LEU A 103 -1.52 4.39 10.66
N LEU A 104 -2.71 3.85 10.87
CA LEU A 104 -3.57 4.32 11.94
C LEU A 104 -2.88 4.09 13.28
N LYS A 105 -2.26 2.91 13.43
CA LYS A 105 -1.54 2.62 14.66
C LYS A 105 -0.38 3.60 14.89
N LYS A 106 0.48 3.73 13.89
CA LYS A 106 1.69 4.53 14.00
C LYS A 106 1.43 6.02 14.22
N PHE A 107 0.41 6.57 13.57
CA PHE A 107 0.19 8.01 13.63
C PHE A 107 -1.12 8.48 14.30
N GLY A 108 -2.04 7.55 14.57
CA GLY A 108 -3.33 7.90 15.15
C GLY A 108 -4.12 9.01 14.46
N ASP A 109 -4.10 9.03 13.12
CA ASP A 109 -4.82 10.03 12.32
C ASP A 109 -5.57 9.36 11.17
N LYS A 110 -6.86 9.13 11.36
CA LYS A 110 -7.67 8.42 10.36
C LYS A 110 -7.54 8.99 8.93
N ASN A 111 -7.48 10.31 8.79
CA ASN A 111 -7.33 10.89 7.45
C ASN A 111 -5.98 10.54 6.80
N LEU A 112 -4.90 10.61 7.57
CA LEU A 112 -3.58 10.25 7.07
C LEU A 112 -3.54 8.79 6.63
N ALA A 113 -4.04 7.90 7.48
CA ALA A 113 -4.09 6.47 7.17
C ALA A 113 -4.95 6.20 5.92
N PHE A 114 -6.09 6.87 5.84
CA PHE A 114 -6.92 6.75 4.65
C PHE A 114 -6.13 7.19 3.41
N ILE A 115 -5.53 8.37 3.47
CA ILE A 115 -4.87 8.89 2.28
C ILE A 115 -3.66 8.03 1.89
N GLY A 116 -2.98 7.48 2.89
CA GLY A 116 -1.85 6.60 2.61
C GLY A 116 -2.35 5.32 1.96
N ALA A 117 -3.41 4.74 2.53
CA ALA A 117 -3.94 3.48 2.02
C ALA A 117 -4.47 3.62 0.59
N LEU A 118 -5.11 4.76 0.32
CA LEU A 118 -5.62 5.08 -1.01
C LEU A 118 -4.49 5.22 -2.02
N THR A 119 -3.38 5.81 -1.60
CA THR A 119 -2.24 5.96 -2.47
C THR A 119 -1.73 4.57 -2.85
N VAL A 120 -1.66 3.71 -1.84
CA VAL A 120 -1.24 2.34 -2.02
C VAL A 120 -2.22 1.54 -2.90
N MET A 121 -3.52 1.80 -2.73
CA MET A 121 -4.55 1.13 -3.49
C MET A 121 -4.47 1.56 -4.95
N LEU A 122 -3.86 2.71 -5.18
CA LEU A 122 -3.81 3.27 -6.52
C LEU A 122 -2.38 3.35 -7.03
N HIS A 123 -1.44 2.61 -6.42
CA HIS A 123 -0.04 2.78 -6.81
C HIS A 123 0.27 2.22 -8.19
N HIS A 124 -0.71 1.60 -8.83
CA HIS A 124 -0.46 1.16 -10.19
C HIS A 124 -0.95 2.07 -11.31
N GLU A 125 -2.02 2.82 -11.08
CA GLU A 125 -2.46 3.83 -12.02
C GLU A 125 -1.33 4.85 -12.32
N PRO A 126 -1.18 5.26 -13.59
CA PRO A 126 -0.14 6.22 -13.99
C PRO A 126 -0.31 7.57 -13.28
N ILE A 127 0.76 8.36 -13.15
CA ILE A 127 0.69 9.55 -12.30
C ILE A 127 -0.41 10.54 -12.69
N ILE A 128 -1.03 11.13 -11.67
CA ILE A 128 -2.26 11.91 -11.78
C ILE A 128 -3.49 10.98 -11.71
N MET A 129 -3.42 10.02 -10.81
CA MET A 129 -4.47 9.02 -10.69
C MET A 129 -4.79 8.77 -9.23
N GLU A 139 -15.38 2.18 -12.32
CA GLU A 139 -14.04 2.32 -11.76
C GLU A 139 -13.94 1.65 -10.39
N LEU A 140 -14.54 2.29 -9.40
CA LEU A 140 -14.39 1.89 -8.01
C LEU A 140 -15.65 1.23 -7.44
N THR A 141 -16.36 0.42 -8.23
CA THR A 141 -17.56 -0.23 -7.72
C THR A 141 -17.25 -1.38 -6.75
N ALA A 142 -18.16 -1.62 -5.83
CA ALA A 142 -18.11 -2.81 -4.97
C ALA A 142 -17.95 -4.06 -5.81
N GLU A 143 -18.61 -4.11 -6.96
CA GLU A 143 -18.50 -5.28 -7.83
C GLU A 143 -17.05 -5.55 -8.25
N VAL A 144 -16.38 -4.51 -8.76
CA VAL A 144 -14.99 -4.60 -9.16
C VAL A 144 -14.10 -5.03 -7.99
N VAL A 145 -14.32 -4.47 -6.80
CA VAL A 145 -13.60 -4.98 -5.63
C VAL A 145 -13.77 -6.50 -5.53
N LEU A 146 -15.01 -6.99 -5.62
CA LEU A 146 -15.25 -8.42 -5.56
C LEU A 146 -14.54 -9.19 -6.67
N ASP A 147 -14.47 -8.60 -7.85
CA ASP A 147 -13.71 -9.19 -8.94
C ASP A 147 -12.21 -9.31 -8.57
N LYS A 148 -11.68 -8.25 -7.98
CA LYS A 148 -10.23 -8.17 -7.81
C LYS A 148 -9.74 -8.93 -6.59
N LEU A 149 -10.69 -9.36 -5.77
CA LEU A 149 -10.35 -10.10 -4.56
C LEU A 149 -10.88 -11.53 -4.62
N LYS A 150 -11.59 -11.84 -5.70
CA LYS A 150 -12.22 -13.16 -5.83
C LYS A 150 -11.25 -14.28 -5.46
N LYS A 151 -10.06 -14.27 -6.06
CA LYS A 151 -9.08 -15.35 -5.84
C LYS A 151 -8.15 -15.14 -4.64
N PHE A 152 -8.44 -14.16 -3.78
CA PHE A 152 -7.62 -13.99 -2.58
C PHE A 152 -7.82 -15.19 -1.65
N ASP A 153 -6.72 -15.82 -1.26
CA ASP A 153 -6.79 -17.00 -0.39
C ASP A 153 -5.78 -16.91 0.75
N GLY A 154 -5.65 -15.71 1.33
CA GLY A 154 -4.83 -15.51 2.51
C GLY A 154 -3.38 -15.18 2.26
N MET A 155 -2.71 -14.67 3.29
CA MET A 155 -1.29 -14.39 3.22
C MET A 155 -0.48 -15.67 3.41
N ILE A 156 0.79 -15.63 3.04
CA ILE A 156 1.69 -16.75 3.26
C ILE A 156 1.82 -17.04 4.77
N GLU A 157 2.39 -18.19 5.11
CA GLU A 157 2.56 -18.60 6.50
C GLU A 157 3.49 -17.66 7.28
N ASP A 158 4.60 -17.28 6.65
CA ASP A 158 5.61 -16.43 7.27
C ASP A 158 5.10 -15.01 7.55
N PHE A 159 3.87 -14.70 7.16
CA PHE A 159 3.42 -13.31 7.03
C PHE A 159 3.73 -12.37 8.20
N GLU A 160 3.26 -12.74 9.39
CA GLU A 160 3.47 -11.95 10.60
C GLU A 160 4.94 -11.62 10.78
N ASP A 161 5.79 -12.64 10.67
CA ASP A 161 7.23 -12.46 10.77
C ASP A 161 7.73 -11.49 9.68
N LEU A 162 7.27 -11.70 8.45
CA LEU A 162 7.60 -10.78 7.36
C LEU A 162 7.30 -9.33 7.69
N ILE A 163 6.12 -9.08 8.25
CA ILE A 163 5.73 -7.72 8.62
C ILE A 163 6.67 -7.17 9.69
N LYS A 164 7.02 -8.01 10.65
CA LYS A 164 7.96 -7.63 11.69
C LYS A 164 9.29 -7.19 11.09
N LYS A 165 9.84 -8.02 10.20
CA LYS A 165 11.08 -7.68 9.49
C LYS A 165 10.96 -6.33 8.78
N LEU A 166 9.78 -6.08 8.20
CA LEU A 166 9.54 -4.88 7.41
C LEU A 166 9.32 -3.62 8.23
N ILE A 167 8.43 -3.70 9.22
CA ILE A 167 7.98 -2.49 9.91
C ILE A 167 8.21 -2.53 11.42
N GLY A 168 8.61 -3.69 11.91
CA GLY A 168 9.07 -3.80 13.29
C GLY A 168 8.02 -4.13 14.33
N TYR A 169 6.81 -4.49 13.90
CA TYR A 169 5.85 -5.01 14.87
C TYR A 169 4.72 -5.84 14.29
N SER A 170 3.70 -6.09 15.12
CA SER A 170 2.82 -7.25 14.95
C SER A 170 1.40 -6.94 14.52
N ILE A 171 1.01 -7.42 13.33
CA ILE A 171 -0.38 -7.34 12.88
C ILE A 171 -1.30 -8.25 13.69
N GLY A 172 -0.74 -8.95 14.67
CA GLY A 172 -1.55 -9.62 15.66
C GLY A 172 -2.12 -8.53 16.56
N ASP A 173 -1.23 -7.70 17.09
CA ASP A 173 -1.60 -6.63 18.01
C ASP A 173 -2.55 -5.57 17.43
N ILE A 174 -2.85 -5.66 16.13
CA ILE A 174 -3.83 -4.75 15.50
C ILE A 174 -4.49 -5.29 14.22
N ASN A 180 -8.89 -11.74 7.51
CA ASN A 180 -9.64 -12.63 6.64
C ASN A 180 -10.22 -11.95 5.39
N LYS A 181 -10.43 -12.75 4.36
CA LYS A 181 -10.86 -12.29 3.04
C LYS A 181 -12.03 -11.30 3.03
N ASP A 182 -13.10 -11.63 3.74
CA ASP A 182 -14.28 -10.79 3.69
C ASP A 182 -14.03 -9.48 4.42
N ASP A 183 -13.20 -9.53 5.45
CA ASP A 183 -12.78 -8.30 6.12
C ASP A 183 -12.05 -7.35 5.18
N ILE A 184 -11.22 -7.89 4.28
CA ILE A 184 -10.48 -7.07 3.33
C ILE A 184 -11.44 -6.49 2.28
N ILE A 185 -12.37 -7.33 1.83
CA ILE A 185 -13.43 -6.91 0.92
C ILE A 185 -14.22 -5.74 1.51
N ARG A 186 -14.66 -5.89 2.75
CA ARG A 186 -15.44 -4.85 3.42
C ARG A 186 -14.65 -3.56 3.49
N PHE A 187 -13.39 -3.67 3.91
CA PHE A 187 -12.53 -2.49 3.97
C PHE A 187 -12.40 -1.81 2.62
N VAL A 188 -12.05 -2.57 1.60
CA VAL A 188 -11.83 -1.99 0.28
C VAL A 188 -13.10 -1.35 -0.32
N ILE A 189 -14.24 -2.03 -0.20
CA ILE A 189 -15.49 -1.43 -0.63
C ILE A 189 -15.69 -0.09 0.06
N GLU A 190 -15.55 -0.11 1.39
CA GLU A 190 -15.71 1.11 2.20
C GLU A 190 -14.74 2.19 1.75
N MET A 191 -13.57 1.77 1.29
CA MET A 191 -12.58 2.73 0.79
C MET A 191 -12.96 3.32 -0.55
N SER A 192 -13.29 2.43 -1.48
CA SER A 192 -13.60 2.80 -2.86
C SER A 192 -14.78 3.76 -2.92
N VAL A 193 -15.72 3.59 -2.00
CA VAL A 193 -16.88 4.46 -1.92
C VAL A 193 -16.49 5.85 -1.47
N ARG A 194 -15.92 5.93 -0.28
CA ARG A 194 -15.59 7.21 0.32
C ARG A 194 -14.60 7.98 -0.55
N ALA A 195 -14.04 7.29 -1.54
CA ALA A 195 -13.12 7.89 -2.48
C ALA A 195 -13.80 8.33 -3.78
N ARG A 196 -14.81 7.58 -4.21
CA ARG A 196 -15.66 7.97 -5.33
C ARG A 196 -16.38 9.28 -5.04
N HIS A 197 -16.68 9.50 -3.76
CA HIS A 197 -17.65 10.52 -3.36
C HIS A 197 -17.11 11.94 -3.19
N THR A 198 -15.86 12.05 -2.75
CA THR A 198 -15.26 13.37 -2.58
C THR A 198 -15.47 14.26 -3.81
N PRO A 199 -15.82 15.53 -3.57
CA PRO A 199 -15.74 16.55 -4.62
C PRO A 199 -14.27 16.82 -4.96
N ASN A 200 -13.39 16.58 -3.99
CA ASN A 200 -11.96 16.92 -4.07
C ASN A 200 -11.21 16.49 -5.34
N SER A 201 -11.51 15.29 -5.83
CA SER A 201 -11.14 14.85 -7.18
C SER A 201 -9.85 15.45 -7.76
N GLU A 202 -9.96 16.65 -8.34
CA GLU A 202 -8.80 17.36 -8.92
C GLU A 202 -7.66 17.53 -7.91
N LYS A 203 -8.02 17.64 -6.63
CA LYS A 203 -7.06 17.81 -5.55
C LYS A 203 -6.64 16.45 -5.02
N LEU A 204 -7.62 15.63 -4.68
CA LEU A 204 -7.34 14.25 -4.27
C LEU A 204 -6.39 13.57 -5.25
N ARG A 205 -6.58 13.83 -6.54
CA ARG A 205 -5.71 13.28 -7.58
C ARG A 205 -4.30 13.89 -7.48
N PHE A 206 -4.24 15.14 -7.04
CA PHE A 206 -2.97 15.85 -6.90
C PHE A 206 -2.24 15.40 -5.63
N ILE A 207 -2.98 15.12 -4.56
CA ILE A 207 -2.36 14.70 -3.29
C ILE A 207 -1.88 13.25 -3.37
N VAL A 208 -2.79 12.34 -3.72
CA VAL A 208 -2.41 10.98 -4.09
C VAL A 208 -1.33 11.02 -5.16
N GLY A 209 -1.54 11.88 -6.17
CA GLY A 209 -0.57 12.06 -7.23
C GLY A 209 0.79 12.47 -6.68
N THR A 210 0.78 13.34 -5.67
CA THR A 210 2.01 13.80 -5.02
C THR A 210 2.72 12.69 -4.22
N LEU A 211 1.95 11.91 -3.47
CA LEU A 211 2.57 10.84 -2.68
C LEU A 211 3.09 9.74 -3.61
N LEU A 212 2.39 9.55 -4.73
CA LEU A 212 2.76 8.53 -5.71
C LEU A 212 4.18 8.65 -6.31
N LEU A 213 4.57 9.85 -6.74
CA LEU A 213 5.86 10.03 -7.46
C LEU A 213 7.05 9.35 -6.79
N PRO A 214 7.27 9.65 -5.50
CA PRO A 214 8.48 9.10 -4.87
C PRO A 214 8.47 7.57 -4.86
N LEU A 215 7.28 6.98 -4.73
CA LEU A 215 7.12 5.52 -4.74
C LEU A 215 7.85 4.88 -5.93
N VAL A 216 7.53 5.35 -7.13
CA VAL A 216 8.29 4.98 -8.31
C VAL A 216 9.58 5.81 -8.44
#